data_3RG5
#
_entry.id   3RG5
#
_cell.length_a   48.872
_cell.length_b   96.055
_cell.length_c   71.841
_cell.angle_alpha   90.00
_cell.angle_beta   105.06
_cell.angle_gamma   90.00
#
_symmetry.space_group_name_H-M   'P 1 21 1'
#
loop_
_entity.id
_entity.type
_entity.pdbx_description
1 polymer tRNA(Sec)
2 non-polymer 'SULFATE ION'
3 non-polymer GLYCEROL
4 non-polymer 'ACETATE ION'
5 water water
#
_entity_poly.entity_id   1
_entity_poly.type   'polyribonucleotide'
_entity_poly.pdbx_seq_one_letter_code
;GCCCGGAUGAUCCUCAGUGGUCUGGGGUGCAGGCUUCAAACCUGUAGCUGUUUAGCGACAGAGUGGUUCAAUUCCACCUU
UCGGGC
;
_entity_poly.pdbx_strand_id   A,B
#